data_7PWA
#
_entry.id   7PWA
#
_cell.length_a   45.120
_cell.length_b   68.530
_cell.length_c   160.470
_cell.angle_alpha   90.000
_cell.angle_beta   90.000
_cell.angle_gamma   90.000
#
_symmetry.space_group_name_H-M   'P 21 21 21'
#
loop_
_entity.id
_entity.type
_entity.pdbx_description
1 polymer 'Protein mono-ADP-ribosyltransferase PARP15'
2 non-polymer 4-(cyclopentylmethoxy)benzamide
3 non-polymer (4S)-2-METHYL-2,4-PENTANEDIOL
4 water water
#
_entity_poly.entity_id   1
_entity_poly.type   'polypeptide(L)'
_entity_poly.pdbx_seq_one_letter_code
;MHHHHHHSSGVDLGTENLYFQSMNLPEHWTDMNHQLFCMVQLEPGQSEYNTIKDKFTRTCSSYAIEKIERIQNAFLWQSY
QVKKRQMDIKNDHKNNERLLFHGTDADSVPYVNQHGFNRSCAGKNAVSYGKGTYFAVDASYSAKDTYSKPDSNGRKHMYV
VRVLTGVFTKGRAGLVTPPPKNPHNPTDLFDSVTNNTRSPKLFVVFFDNQAYPEYLITFTA
;
_entity_poly.pdbx_strand_id   A,B
#
loop_
_chem_comp.id
_chem_comp.type
_chem_comp.name
_chem_comp.formula
8CI non-polymer 4-(cyclopentylmethoxy)benzamide 'C13 H17 N O2'
MPD non-polymer (4S)-2-METHYL-2,4-PENTANEDIOL 'C6 H14 O2'
#
# COMPACT_ATOMS: atom_id res chain seq x y z
N ASN A 24 -17.62 7.77 6.24
CA ASN A 24 -17.58 9.26 6.36
C ASN A 24 -17.42 9.88 4.97
N LEU A 25 -18.30 9.51 4.02
CA LEU A 25 -18.24 9.90 2.59
C LEU A 25 -18.61 11.38 2.44
N PRO A 26 -17.80 12.19 1.71
CA PRO A 26 -17.92 13.64 1.72
C PRO A 26 -19.29 14.16 1.28
N GLU A 27 -19.63 15.36 1.74
CA GLU A 27 -20.96 16.01 1.55
C GLU A 27 -21.19 16.27 0.05
N HIS A 28 -20.18 16.75 -0.67
CA HIS A 28 -20.26 17.17 -2.10
C HIS A 28 -20.34 15.98 -3.05
N TRP A 29 -20.05 14.77 -2.55
CA TRP A 29 -20.39 13.55 -3.29
C TRP A 29 -21.90 13.51 -3.48
N THR A 30 -22.34 12.86 -4.53
CA THR A 30 -23.79 12.66 -4.77
C THR A 30 -24.09 11.20 -4.44
N ASP A 31 -25.35 10.94 -4.15
CA ASP A 31 -25.86 9.64 -3.68
C ASP A 31 -25.42 8.54 -4.65
N MET A 32 -25.07 7.37 -4.12
CA MET A 32 -24.61 6.25 -4.98
C MET A 32 -25.52 5.03 -4.85
N ASN A 33 -26.76 5.21 -4.40
CA ASN A 33 -27.75 4.11 -4.34
C ASN A 33 -27.09 2.90 -3.68
N HIS A 34 -26.41 3.11 -2.55
CA HIS A 34 -25.81 2.04 -1.69
C HIS A 34 -24.65 1.33 -2.41
N GLN A 35 -24.11 1.90 -3.50
CA GLN A 35 -22.89 1.36 -4.16
C GLN A 35 -21.65 2.08 -3.62
N LEU A 36 -20.48 1.49 -3.83
CA LEU A 36 -19.22 1.94 -3.19
C LEU A 36 -18.32 2.64 -4.19
N PHE A 37 -18.65 2.61 -5.48
CA PHE A 37 -17.83 3.26 -6.54
C PHE A 37 -18.74 3.86 -7.60
N CYS A 38 -18.48 5.10 -7.96
CA CYS A 38 -19.08 5.66 -9.18
CA CYS A 38 -19.20 5.79 -9.07
C CYS A 38 -18.28 6.86 -9.66
N MET A 39 -18.32 7.06 -10.96
CA MET A 39 -17.71 8.20 -11.64
C MET A 39 -18.85 9.15 -11.97
N VAL A 40 -18.82 10.36 -11.44
CA VAL A 40 -19.94 11.31 -11.63
C VAL A 40 -19.49 12.45 -12.54
N GLN A 41 -20.12 12.58 -13.70
CA GLN A 41 -19.78 13.68 -14.63
C GLN A 41 -20.26 15.00 -14.01
N LEU A 42 -19.38 15.99 -13.93
CA LEU A 42 -19.73 17.31 -13.37
C LEU A 42 -20.48 18.12 -14.41
N GLU A 43 -21.37 18.96 -13.89
CA GLU A 43 -22.15 19.94 -14.67
C GLU A 43 -21.26 21.14 -14.95
N PRO A 44 -20.92 21.43 -16.23
CA PRO A 44 -20.15 22.62 -16.57
C PRO A 44 -20.87 23.88 -16.06
N GLY A 45 -20.11 24.85 -15.59
CA GLY A 45 -20.66 26.15 -15.14
C GLY A 45 -21.05 26.14 -13.68
N GLN A 46 -21.09 24.99 -13.01
CA GLN A 46 -21.33 24.97 -11.55
C GLN A 46 -20.01 25.06 -10.81
N SER A 47 -20.09 25.43 -9.54
CA SER A 47 -18.96 25.83 -8.66
C SER A 47 -17.82 24.80 -8.72
N GLU A 48 -18.17 23.54 -8.45
CA GLU A 48 -17.18 22.43 -8.40
C GLU A 48 -16.43 22.32 -9.74
N TYR A 49 -17.14 22.19 -10.84
CA TYR A 49 -16.54 22.08 -12.19
C TYR A 49 -15.65 23.32 -12.43
N ASN A 50 -16.18 24.51 -12.15
CA ASN A 50 -15.41 25.76 -12.41
C ASN A 50 -14.11 25.75 -11.60
N THR A 51 -14.13 25.32 -10.35
CA THR A 51 -12.93 25.28 -9.49
C THR A 51 -11.90 24.35 -10.10
N ILE A 52 -12.31 23.17 -10.56
CA ILE A 52 -11.35 22.16 -11.09
C ILE A 52 -10.85 22.67 -12.44
N LYS A 53 -11.73 23.17 -13.28
CA LYS A 53 -11.33 23.72 -14.60
C LYS A 53 -10.32 24.84 -14.39
N ASP A 54 -10.53 25.74 -13.44
CA ASP A 54 -9.59 26.86 -13.16
C ASP A 54 -8.19 26.30 -12.81
N LYS A 55 -8.10 25.26 -11.98
CA LYS A 55 -6.80 24.68 -11.54
C LYS A 55 -6.04 24.19 -12.78
N PHE A 56 -6.77 23.60 -13.70
CA PHE A 56 -6.22 23.07 -14.97
C PHE A 56 -5.85 24.22 -15.90
N THR A 57 -6.77 25.17 -16.11
CA THR A 57 -6.55 26.24 -17.13
C THR A 57 -5.48 27.22 -16.66
N ARG A 58 -5.11 27.22 -15.37
CA ARG A 58 -3.94 28.00 -14.88
C ARG A 58 -2.73 27.80 -15.80
N THR A 59 -2.48 26.57 -16.25
CA THR A 59 -1.32 26.25 -17.13
C THR A 59 -1.71 25.58 -18.44
N CYS A 60 -2.98 25.19 -18.65
CA CYS A 60 -3.45 24.40 -19.79
C CYS A 60 -4.61 25.11 -20.49
N SER A 61 -4.56 26.43 -20.61
CA SER A 61 -5.70 27.21 -21.18
C SER A 61 -5.85 26.94 -22.68
N SER A 62 -4.85 26.38 -23.37
CA SER A 62 -4.93 26.08 -24.82
C SER A 62 -5.55 24.70 -25.08
N TYR A 63 -5.82 23.94 -24.02
CA TYR A 63 -6.43 22.60 -24.15
C TYR A 63 -7.94 22.76 -24.01
N ALA A 64 -8.67 21.88 -24.68
CA ALA A 64 -10.15 21.82 -24.65
C ALA A 64 -10.57 20.68 -23.71
N ILE A 65 -11.37 21.02 -22.71
CA ILE A 65 -11.95 20.08 -21.72
C ILE A 65 -13.23 19.49 -22.30
N GLU A 66 -13.26 18.16 -22.47
CA GLU A 66 -14.45 17.41 -22.92
C GLU A 66 -15.33 17.16 -21.71
N LYS A 67 -14.75 16.69 -20.61
CA LYS A 67 -15.55 16.52 -19.37
C LYS A 67 -14.65 16.43 -18.16
N ILE A 68 -15.27 16.64 -17.01
CA ILE A 68 -14.60 16.45 -15.70
C ILE A 68 -15.50 15.51 -14.90
N GLU A 69 -14.91 14.45 -14.36
CA GLU A 69 -15.68 13.46 -13.56
C GLU A 69 -15.16 13.46 -12.14
N ARG A 70 -16.08 13.40 -11.20
CA ARG A 70 -15.73 13.24 -9.78
C ARG A 70 -15.61 11.75 -9.52
N ILE A 71 -14.51 11.34 -8.92
CA ILE A 71 -14.27 9.92 -8.59
C ILE A 71 -14.78 9.69 -7.17
N GLN A 72 -15.81 8.86 -7.07
CA GLN A 72 -16.42 8.51 -5.77
C GLN A 72 -16.06 7.06 -5.49
N ASN A 73 -14.94 6.83 -4.82
CA ASN A 73 -14.44 5.48 -4.53
C ASN A 73 -14.38 5.35 -3.02
N ALA A 74 -15.40 4.75 -2.40
CA ALA A 74 -15.56 4.76 -0.94
C ALA A 74 -14.35 4.12 -0.28
N PHE A 75 -13.89 2.97 -0.78
CA PHE A 75 -12.77 2.23 -0.17
C PHE A 75 -11.47 3.04 -0.27
N LEU A 76 -11.16 3.55 -1.45
CA LEU A 76 -9.92 4.35 -1.59
C LEU A 76 -10.00 5.57 -0.68
N TRP A 77 -11.15 6.21 -0.61
CA TRP A 77 -11.31 7.41 0.23
C TRP A 77 -11.04 7.03 1.68
N GLN A 78 -11.67 5.96 2.15
CA GLN A 78 -11.51 5.45 3.55
CA GLN A 78 -11.51 5.56 3.56
C GLN A 78 -10.02 5.29 3.85
N SER A 79 -9.32 4.52 3.00
CA SER A 79 -7.88 4.20 3.25
C SER A 79 -7.03 5.46 3.25
N TYR A 80 -7.32 6.36 2.29
CA TYR A 80 -6.63 7.65 2.17
C TYR A 80 -6.86 8.49 3.43
N GLN A 81 -8.12 8.59 3.88
CA GLN A 81 -8.48 9.44 5.03
C GLN A 81 -7.79 8.89 6.30
N VAL A 82 -7.66 7.57 6.41
CA VAL A 82 -6.95 6.96 7.56
C VAL A 82 -5.49 7.40 7.52
N LYS A 83 -4.85 7.33 6.36
CA LYS A 83 -3.44 7.76 6.23
CA LYS A 83 -3.45 7.76 6.20
C LYS A 83 -3.35 9.26 6.54
N LYS A 84 -4.32 10.05 6.11
CA LYS A 84 -4.28 11.51 6.38
C LYS A 84 -4.32 11.75 7.89
N ARG A 85 -5.23 11.07 8.59
CA ARG A 85 -5.37 11.25 10.06
C ARG A 85 -4.04 10.86 10.72
N GLN A 86 -3.41 9.79 10.26
CA GLN A 86 -2.15 9.28 10.84
C GLN A 86 -1.05 10.31 10.58
N MET A 87 -0.99 10.82 9.36
CA MET A 87 0.08 11.79 9.00
C MET A 87 -0.12 13.08 9.79
N ASP A 88 -1.36 13.52 9.98
CA ASP A 88 -1.71 14.72 10.78
C ASP A 88 -1.21 14.50 12.22
N ILE A 89 -1.39 13.31 12.79
CA ILE A 89 -0.86 12.99 14.16
C ILE A 89 0.68 12.97 14.14
N LYS A 90 1.27 12.21 13.22
CA LYS A 90 2.74 11.99 13.13
C LYS A 90 3.44 13.34 13.02
N ASN A 91 2.94 14.23 12.16
CA ASN A 91 3.64 15.49 11.79
C ASN A 91 3.27 16.59 12.79
N ASP A 92 2.19 16.39 13.56
CA ASP A 92 1.81 17.25 14.71
C ASP A 92 1.35 18.61 14.18
N HIS A 93 0.69 18.58 13.03
CA HIS A 93 0.11 19.73 12.30
C HIS A 93 -0.65 19.14 11.12
N LYS A 94 -1.62 19.89 10.59
CA LYS A 94 -2.32 19.61 9.30
C LYS A 94 -1.40 20.09 8.16
N ASN A 95 -1.98 20.52 7.04
CA ASN A 95 -1.20 21.03 5.88
C ASN A 95 -0.29 19.91 5.34
N ASN A 96 -0.75 18.66 5.40
CA ASN A 96 0.01 17.53 4.81
C ASN A 96 -0.46 17.22 3.40
N GLU A 97 -1.52 17.87 2.95
CA GLU A 97 -2.20 17.53 1.68
C GLU A 97 -1.97 18.64 0.64
N ARG A 98 -1.71 18.25 -0.60
CA ARG A 98 -1.61 19.14 -1.79
C ARG A 98 -2.51 18.57 -2.87
N LEU A 99 -3.05 19.42 -3.72
CA LEU A 99 -3.81 18.96 -4.90
C LEU A 99 -2.88 19.04 -6.10
N LEU A 100 -2.60 17.90 -6.71
CA LEU A 100 -1.62 17.77 -7.79
C LEU A 100 -2.25 17.08 -8.98
N PHE A 101 -1.51 16.99 -10.08
CA PHE A 101 -2.00 16.39 -11.33
C PHE A 101 -1.23 15.12 -11.65
N HIS A 102 -1.92 14.24 -12.35
CA HIS A 102 -1.31 12.98 -12.82
C HIS A 102 -1.89 12.63 -14.17
N GLY A 103 -1.06 12.72 -15.21
CA GLY A 103 -1.44 12.31 -16.57
C GLY A 103 -1.29 10.82 -16.70
N THR A 104 -2.22 10.14 -17.34
CA THR A 104 -2.01 8.70 -17.62
C THR A 104 -2.65 8.33 -18.95
N ASP A 105 -2.31 7.14 -19.42
CA ASP A 105 -2.88 6.61 -20.67
C ASP A 105 -4.28 6.07 -20.38
N ALA A 106 -5.13 6.04 -21.41
CA ALA A 106 -6.53 5.58 -21.29
C ALA A 106 -6.61 4.17 -20.71
N ASP A 107 -5.64 3.31 -21.04
CA ASP A 107 -5.65 1.90 -20.60
C ASP A 107 -5.49 1.82 -19.07
N SER A 108 -4.86 2.81 -18.43
CA SER A 108 -4.65 2.79 -16.95
C SER A 108 -5.84 3.39 -16.20
N VAL A 109 -6.74 4.11 -16.88
CA VAL A 109 -7.80 4.89 -16.19
C VAL A 109 -8.72 3.97 -15.39
N PRO A 110 -9.23 2.83 -15.92
CA PRO A 110 -10.10 1.97 -15.10
C PRO A 110 -9.40 1.49 -13.81
N TYR A 111 -8.15 1.10 -13.93
CA TYR A 111 -7.35 0.68 -12.75
C TYR A 111 -7.29 1.82 -11.74
N VAL A 112 -6.88 3.03 -12.16
CA VAL A 112 -6.69 4.13 -11.17
C VAL A 112 -8.04 4.47 -10.54
N ASN A 113 -9.11 4.52 -11.32
CA ASN A 113 -10.44 4.84 -10.76
C ASN A 113 -10.78 3.89 -9.63
N GLN A 114 -10.44 2.61 -9.80
CA GLN A 114 -10.90 1.54 -8.88
C GLN A 114 -9.89 1.34 -7.77
N HIS A 115 -8.61 1.43 -8.11
CA HIS A 115 -7.52 0.96 -7.22
C HIS A 115 -6.53 2.06 -6.85
N GLY A 116 -6.68 3.25 -7.43
CA GLY A 116 -5.74 4.36 -7.16
C GLY A 116 -4.40 4.10 -7.79
N PHE A 117 -3.37 4.68 -7.19
CA PHE A 117 -2.05 4.73 -7.81
C PHE A 117 -1.19 3.60 -7.23
N ASN A 118 -0.39 3.02 -8.11
CA ASN A 118 0.41 1.81 -7.76
C ASN A 118 1.82 1.99 -8.29
N ARG A 119 2.78 2.14 -7.37
CA ARG A 119 4.19 2.35 -7.74
C ARG A 119 4.73 1.16 -8.54
N SER A 120 4.13 -0.03 -8.42
CA SER A 120 4.55 -1.26 -9.12
C SER A 120 4.14 -1.24 -10.59
N CYS A 121 3.29 -0.29 -11.00
CA CYS A 121 2.82 -0.09 -12.40
C CYS A 121 3.57 1.10 -13.04
N ALA A 126 10.37 7.68 -16.86
CA ALA A 126 11.64 7.94 -16.12
C ALA A 126 11.33 8.19 -14.64
N VAL A 127 12.16 7.64 -13.76
CA VAL A 127 11.91 7.57 -12.28
C VAL A 127 13.14 8.14 -11.56
N SER A 128 13.58 9.31 -12.03
CA SER A 128 14.79 10.04 -11.60
C SER A 128 14.75 10.40 -10.12
N TYR A 129 13.56 10.48 -9.52
CA TYR A 129 13.43 10.94 -8.12
C TYR A 129 12.97 9.78 -7.24
N GLY A 130 12.99 8.55 -7.76
CA GLY A 130 12.64 7.36 -6.96
C GLY A 130 11.53 6.55 -7.60
N LYS A 131 11.37 5.31 -7.13
CA LYS A 131 10.42 4.32 -7.69
C LYS A 131 9.12 4.51 -6.93
N GLY A 132 8.42 5.58 -7.25
CA GLY A 132 7.14 5.91 -6.62
C GLY A 132 6.16 6.38 -7.68
N THR A 133 5.03 6.91 -7.25
CA THR A 133 4.05 7.49 -8.18
C THR A 133 4.32 9.00 -8.22
N TYR A 134 4.36 9.56 -9.42
CA TYR A 134 4.73 10.96 -9.71
C TYR A 134 3.49 11.80 -9.88
N PHE A 135 3.53 12.98 -9.31
CA PHE A 135 2.46 13.98 -9.44
C PHE A 135 3.07 15.34 -9.73
N ALA A 136 2.44 16.09 -10.62
CA ALA A 136 2.94 17.41 -11.03
C ALA A 136 2.17 18.50 -10.31
N VAL A 137 2.86 19.58 -9.99
CA VAL A 137 2.24 20.83 -9.47
C VAL A 137 1.43 21.49 -10.59
N ASP A 138 1.97 21.51 -11.82
CA ASP A 138 1.32 22.19 -12.97
C ASP A 138 0.67 21.18 -13.92
N ALA A 139 -0.60 21.38 -14.27
CA ALA A 139 -1.28 20.50 -15.23
C ALA A 139 -0.45 20.43 -16.51
N SER A 140 0.19 21.53 -16.92
CA SER A 140 0.96 21.59 -18.18
C SER A 140 1.99 20.46 -18.25
N TYR A 141 2.59 20.10 -17.12
CA TYR A 141 3.57 18.99 -17.10
C TYR A 141 2.89 17.65 -17.35
N SER A 142 1.80 17.37 -16.62
CA SER A 142 1.02 16.12 -16.79
C SER A 142 0.37 16.04 -18.18
N ALA A 143 0.19 17.18 -18.84
CA ALA A 143 -0.46 17.28 -20.17
C ALA A 143 0.48 16.82 -21.28
N LYS A 144 1.78 16.65 -20.99
CA LYS A 144 2.72 16.07 -21.98
C LYS A 144 2.20 14.71 -22.45
N ASP A 145 2.31 14.45 -23.76
CA ASP A 145 1.84 13.19 -24.39
C ASP A 145 2.55 11.98 -23.77
N THR A 146 3.76 12.15 -23.22
CA THR A 146 4.50 11.02 -22.59
CA THR A 146 4.55 11.10 -22.52
C THR A 146 3.73 10.52 -21.36
N TYR A 147 2.92 11.38 -20.71
CA TYR A 147 2.14 11.02 -19.50
C TYR A 147 0.69 10.82 -19.86
N SER A 148 0.05 11.87 -20.37
CA SER A 148 -1.38 11.83 -20.76
C SER A 148 -1.45 11.42 -22.25
N LYS A 149 -1.08 10.18 -22.55
CA LYS A 149 -0.94 9.69 -23.94
CA LYS A 149 -0.94 9.69 -23.94
C LYS A 149 -2.29 9.85 -24.64
N PRO A 150 -2.34 10.55 -25.80
CA PRO A 150 -3.61 10.70 -26.52
C PRO A 150 -4.08 9.32 -26.99
N ASP A 151 -5.36 9.00 -26.83
CA ASP A 151 -5.90 7.66 -27.12
C ASP A 151 -6.22 7.61 -28.62
N SER A 152 -6.70 6.48 -29.12
CA SER A 152 -6.92 6.26 -30.58
C SER A 152 -7.96 7.26 -31.12
N ASN A 153 -8.32 8.30 -30.34
CA ASN A 153 -9.30 9.35 -30.70
C ASN A 153 -8.81 10.76 -30.36
N GLY A 154 -7.59 10.93 -29.84
CA GLY A 154 -6.99 12.25 -29.53
C GLY A 154 -7.25 12.69 -28.09
N ARG A 155 -8.06 11.92 -27.37
CA ARG A 155 -8.46 12.27 -25.98
C ARG A 155 -7.30 11.94 -25.03
N LYS A 156 -7.08 12.85 -24.10
CA LYS A 156 -5.99 12.78 -23.09
C LYS A 156 -6.67 12.77 -21.73
N HIS A 157 -6.04 12.14 -20.73
CA HIS A 157 -6.65 11.92 -19.41
C HIS A 157 -5.70 12.38 -18.32
N MET A 158 -6.18 13.21 -17.41
CA MET A 158 -5.35 13.67 -16.29
C MET A 158 -6.21 13.67 -15.03
N TYR A 159 -5.66 13.16 -13.95
CA TYR A 159 -6.33 13.21 -12.64
C TYR A 159 -5.90 14.46 -11.92
N VAL A 160 -6.83 14.95 -11.11
CA VAL A 160 -6.57 15.90 -10.03
C VAL A 160 -6.60 15.08 -8.76
N VAL A 161 -5.51 15.14 -8.01
CA VAL A 161 -5.20 14.11 -6.97
C VAL A 161 -4.97 14.80 -5.66
N ARG A 162 -5.63 14.34 -4.58
CA ARG A 162 -5.26 14.73 -3.21
C ARG A 162 -4.06 13.87 -2.83
N VAL A 163 -2.93 14.51 -2.58
CA VAL A 163 -1.67 13.79 -2.27
C VAL A 163 -1.18 14.20 -0.88
N LEU A 164 -0.88 13.19 -0.05
CA LEU A 164 -0.26 13.41 1.28
C LEU A 164 1.25 13.59 1.11
N THR A 165 1.65 14.79 0.70
CA THR A 165 3.06 15.17 0.51
C THR A 165 3.75 15.32 1.88
N GLY A 166 3.01 15.73 2.90
CA GLY A 166 3.55 15.89 4.26
C GLY A 166 4.86 16.63 4.26
N VAL A 167 5.83 16.12 5.00
CA VAL A 167 7.19 16.71 5.08
C VAL A 167 8.01 16.04 3.99
N PHE A 168 8.63 16.85 3.16
CA PHE A 168 9.33 16.31 1.97
C PHE A 168 10.77 16.76 1.92
N THR A 169 11.52 16.03 1.11
CA THR A 169 12.95 16.27 0.86
C THR A 169 13.21 16.04 -0.62
N LYS A 170 14.40 16.40 -1.06
CA LYS A 170 14.77 16.17 -2.46
C LYS A 170 14.94 14.66 -2.70
N GLY A 171 14.41 14.17 -3.81
CA GLY A 171 14.56 12.75 -4.16
C GLY A 171 15.81 12.52 -4.98
N ARG A 172 15.99 11.27 -5.37
CA ARG A 172 17.13 10.82 -6.18
CA ARG A 172 17.11 10.83 -6.21
C ARG A 172 16.77 9.45 -6.77
N ALA A 173 17.48 9.04 -7.81
CA ALA A 173 17.21 7.80 -8.54
C ALA A 173 17.38 6.64 -7.57
N GLY A 174 16.48 5.67 -7.67
CA GLY A 174 16.66 4.37 -7.02
C GLY A 174 16.01 4.30 -5.66
N LEU A 175 15.50 5.41 -5.09
CA LEU A 175 14.77 5.36 -3.80
C LEU A 175 13.60 4.38 -3.95
N VAL A 176 13.34 3.55 -2.96
CA VAL A 176 12.09 2.74 -2.95
C VAL A 176 11.14 3.25 -1.85
N THR A 177 11.64 4.04 -0.91
CA THR A 177 10.88 4.81 0.10
C THR A 177 11.52 6.18 0.23
N PRO A 178 10.85 7.18 0.83
CA PRO A 178 11.52 8.44 1.11
C PRO A 178 12.69 8.18 2.05
N PRO A 179 13.73 9.03 1.99
CA PRO A 179 14.82 8.97 2.93
C PRO A 179 14.36 9.14 4.37
N PRO A 180 15.17 8.72 5.36
CA PRO A 180 14.90 9.11 6.74
C PRO A 180 15.14 10.61 6.98
N LYS A 181 14.41 11.22 7.93
CA LYS A 181 14.57 12.64 8.33
C LYS A 181 15.94 12.83 9.01
N ASN A 182 16.43 11.79 9.66
CA ASN A 182 17.77 11.73 10.30
C ASN A 182 18.23 10.28 10.26
N PRO A 183 19.40 9.95 9.67
CA PRO A 183 19.86 8.57 9.61
C PRO A 183 20.25 7.95 10.98
N HIS A 184 20.17 8.71 12.07
CA HIS A 184 20.28 8.19 13.47
C HIS A 184 19.00 7.45 13.86
N ASN A 185 17.86 7.80 13.23
CA ASN A 185 16.55 7.09 13.32
C ASN A 185 16.13 6.70 11.91
N PRO A 186 16.65 5.59 11.36
CA PRO A 186 16.47 5.27 9.94
C PRO A 186 15.03 4.91 9.54
N THR A 187 14.10 4.71 10.48
CA THR A 187 12.71 4.30 10.14
C THR A 187 11.75 5.48 10.21
N ASP A 188 12.17 6.64 10.71
CA ASP A 188 11.30 7.84 10.73
C ASP A 188 11.51 8.57 9.41
N LEU A 189 10.56 8.42 8.47
CA LEU A 189 10.80 8.75 7.05
C LEU A 189 10.17 10.11 6.73
N PHE A 190 10.76 10.84 5.76
CA PHE A 190 10.01 11.86 5.01
C PHE A 190 8.75 11.22 4.44
N ASP A 191 7.72 12.02 4.19
CA ASP A 191 6.42 11.54 3.64
C ASP A 191 6.50 11.42 2.13
N SER A 192 7.28 12.26 1.47
CA SER A 192 7.41 12.26 0.00
C SER A 192 8.73 12.89 -0.39
N VAL A 193 9.04 12.81 -1.67
CA VAL A 193 10.22 13.53 -2.19
C VAL A 193 9.76 14.44 -3.31
N THR A 194 10.65 15.37 -3.66
CA THR A 194 10.38 16.36 -4.71
C THR A 194 11.64 16.56 -5.54
N ASN A 195 11.51 17.32 -6.61
CA ASN A 195 12.67 17.70 -7.46
C ASN A 195 13.42 18.86 -6.79
N ASN A 196 12.74 19.71 -6.04
CA ASN A 196 13.29 21.00 -5.57
C ASN A 196 12.51 21.40 -4.31
N THR A 197 13.14 21.36 -3.14
CA THR A 197 12.43 21.60 -1.87
C THR A 197 11.94 23.05 -1.78
N ARG A 198 12.70 24.02 -2.30
CA ARG A 198 12.36 25.46 -2.17
C ARG A 198 11.22 25.81 -3.15
N SER A 199 11.17 25.19 -4.32
CA SER A 199 10.17 25.52 -5.37
C SER A 199 9.76 24.23 -6.05
N PRO A 200 9.00 23.36 -5.36
CA PRO A 200 8.69 22.06 -5.92
C PRO A 200 7.79 22.14 -7.14
N LYS A 201 8.07 21.31 -8.14
CA LYS A 201 7.17 21.16 -9.32
C LYS A 201 6.63 19.75 -9.42
N LEU A 202 7.16 18.79 -8.66
CA LEU A 202 6.62 17.42 -8.67
C LEU A 202 6.85 16.80 -7.28
N PHE A 203 6.06 15.80 -6.99
CA PHE A 203 6.15 15.03 -5.74
C PHE A 203 6.07 13.57 -6.11
N VAL A 204 6.77 12.75 -5.33
CA VAL A 204 6.77 11.28 -5.54
C VAL A 204 6.34 10.70 -4.20
N VAL A 205 5.33 9.83 -4.24
CA VAL A 205 4.92 9.08 -3.02
C VAL A 205 5.19 7.59 -3.27
N PHE A 206 5.43 6.86 -2.19
CA PHE A 206 5.97 5.50 -2.27
C PHE A 206 5.06 4.49 -1.58
N PHE A 207 3.87 4.90 -1.18
CA PHE A 207 2.97 4.00 -0.42
C PHE A 207 1.58 4.10 -1.01
N ASP A 208 0.89 2.97 -0.97
CA ASP A 208 -0.50 2.91 -1.44
C ASP A 208 -1.33 3.85 -0.54
N ASN A 209 -2.34 4.44 -1.12
CA ASN A 209 -3.34 5.18 -0.31
C ASN A 209 -2.69 6.45 0.31
N GLN A 210 -1.58 6.95 -0.27
CA GLN A 210 -1.09 8.31 -0.01
C GLN A 210 -1.62 9.32 -1.04
N ALA A 211 -2.44 8.84 -1.97
CA ALA A 211 -2.96 9.69 -3.05
C ALA A 211 -4.37 9.24 -3.36
N TYR A 212 -5.31 10.18 -3.43
CA TYR A 212 -6.72 9.87 -3.76
C TYR A 212 -7.05 10.57 -5.06
N PRO A 213 -7.36 9.82 -6.14
CA PRO A 213 -7.72 10.43 -7.42
C PRO A 213 -9.13 11.03 -7.27
N GLU A 214 -9.23 12.35 -7.28
CA GLU A 214 -10.50 13.04 -6.91
C GLU A 214 -11.27 13.40 -8.17
N TYR A 215 -10.60 13.88 -9.21
CA TYR A 215 -11.29 14.18 -10.50
C TYR A 215 -10.50 13.62 -11.67
N LEU A 216 -11.19 13.27 -12.73
CA LEU A 216 -10.58 12.86 -14.00
C LEU A 216 -11.00 13.87 -15.04
N ILE A 217 -10.00 14.50 -15.66
CA ILE A 217 -10.23 15.50 -16.73
C ILE A 217 -9.97 14.78 -18.03
N THR A 218 -10.95 14.81 -18.94
CA THR A 218 -10.78 14.28 -20.31
C THR A 218 -10.66 15.48 -21.22
N PHE A 219 -9.60 15.59 -22.01
CA PHE A 219 -9.31 16.85 -22.72
C PHE A 219 -8.54 16.55 -24.01
N THR A 220 -8.43 17.57 -24.87
CA THR A 220 -7.71 17.50 -26.17
C THR A 220 -6.80 18.70 -26.31
N ALA A 221 -5.74 18.55 -27.10
CA ALA A 221 -4.76 19.60 -27.45
C ALA A 221 -5.35 20.62 -28.42
N LEU B 25 -7.98 0.11 19.05
CA LEU B 25 -6.88 -0.89 19.31
C LEU B 25 -7.40 -2.03 20.16
N PRO B 26 -6.88 -3.27 20.00
CA PRO B 26 -7.38 -4.41 20.76
C PRO B 26 -7.20 -4.26 22.27
N GLU B 27 -8.19 -4.71 23.05
CA GLU B 27 -8.29 -4.36 24.49
C GLU B 27 -7.28 -5.15 25.32
N HIS B 28 -6.68 -6.19 24.78
CA HIS B 28 -5.67 -7.02 25.51
C HIS B 28 -4.26 -6.48 25.25
N TRP B 29 -4.07 -5.50 24.35
CA TRP B 29 -2.74 -4.87 24.14
C TRP B 29 -2.34 -4.19 25.45
N THR B 30 -1.04 -4.08 25.69
CA THR B 30 -0.54 -3.23 26.79
C THR B 30 -0.88 -1.76 26.50
N ASP B 31 -1.10 -1.00 27.57
CA ASP B 31 -1.28 0.46 27.52
C ASP B 31 0.03 1.04 27.02
N MET B 32 0.00 1.77 25.91
CA MET B 32 1.21 2.38 25.31
C MET B 32 1.36 3.85 25.70
N ASN B 33 0.41 4.39 26.48
CA ASN B 33 0.49 5.77 27.05
C ASN B 33 0.70 6.77 25.91
N HIS B 34 -0.23 6.81 24.96
CA HIS B 34 -0.25 7.78 23.82
C HIS B 34 0.78 7.39 22.76
N GLN B 35 1.74 6.50 23.06
CA GLN B 35 2.78 6.03 22.10
C GLN B 35 2.09 5.19 21.00
N LEU B 36 2.68 5.14 19.82
CA LEU B 36 2.02 4.57 18.61
C LEU B 36 2.55 3.16 18.37
N PHE B 37 3.54 2.73 19.15
CA PHE B 37 4.30 1.51 18.79
C PHE B 37 5.00 0.96 20.01
N CYS B 38 4.93 -0.36 20.17
CA CYS B 38 5.61 -1.08 21.28
CA CYS B 38 5.83 -1.04 21.11
C CYS B 38 5.79 -2.54 20.87
N MET B 39 6.86 -3.18 21.30
CA MET B 39 7.06 -4.63 21.20
C MET B 39 6.87 -5.18 22.62
N VAL B 40 6.01 -6.17 22.78
CA VAL B 40 5.69 -6.75 24.10
C VAL B 40 6.21 -8.19 24.17
N GLN B 41 7.15 -8.42 25.07
CA GLN B 41 7.72 -9.76 25.28
C GLN B 41 6.68 -10.65 25.96
N LEU B 42 6.35 -11.77 25.35
CA LEU B 42 5.35 -12.70 25.88
C LEU B 42 6.00 -13.67 26.87
N GLU B 43 5.17 -14.21 27.75
CA GLU B 43 5.63 -15.16 28.79
C GLU B 43 5.27 -16.58 28.40
N PRO B 44 6.24 -17.51 28.41
CA PRO B 44 5.95 -18.92 28.21
C PRO B 44 4.91 -19.37 29.25
N GLY B 45 3.99 -20.21 28.84
CA GLY B 45 2.93 -20.70 29.75
C GLY B 45 1.65 -19.92 29.56
N GLN B 46 1.71 -18.66 29.11
CA GLN B 46 0.52 -17.93 28.62
C GLN B 46 0.02 -18.63 27.35
N SER B 47 -1.29 -18.78 27.21
CA SER B 47 -1.90 -19.34 25.98
C SER B 47 -1.35 -18.59 24.75
N GLU B 48 -1.21 -17.29 24.83
CA GLU B 48 -0.80 -16.48 23.65
C GLU B 48 0.60 -16.92 23.18
N TYR B 49 1.55 -17.09 24.10
CA TYR B 49 2.90 -17.56 23.75
C TYR B 49 2.81 -19.00 23.25
N ASN B 50 2.09 -19.84 23.99
CA ASN B 50 2.07 -21.30 23.71
C ASN B 50 1.48 -21.58 22.33
N THR B 51 0.47 -20.84 21.88
CA THR B 51 -0.18 -21.13 20.57
CA THR B 51 -0.19 -21.13 20.58
C THR B 51 0.79 -20.81 19.45
N ILE B 52 1.55 -19.73 19.60
CA ILE B 52 2.56 -19.36 18.57
C ILE B 52 3.68 -20.38 18.61
N LYS B 53 4.18 -20.72 19.80
CA LYS B 53 5.25 -21.73 19.89
C LYS B 53 4.77 -23.01 19.22
N ASP B 54 3.54 -23.45 19.48
CA ASP B 54 3.03 -24.73 18.92
C ASP B 54 2.94 -24.60 17.39
N LYS B 55 2.48 -23.46 16.90
CA LYS B 55 2.31 -23.25 15.43
C LYS B 55 3.68 -23.35 14.76
N PHE B 56 4.69 -22.81 15.42
CA PHE B 56 6.09 -22.81 14.95
C PHE B 56 6.63 -24.24 15.04
N THR B 57 6.49 -24.88 16.19
CA THR B 57 7.15 -26.20 16.42
C THR B 57 6.48 -27.30 15.58
N ARG B 58 5.26 -27.09 15.10
CA ARG B 58 4.56 -28.01 14.17
CA ARG B 58 4.60 -28.11 14.25
C ARG B 58 5.54 -28.46 13.07
N THR B 59 6.33 -27.51 12.57
CA THR B 59 7.26 -27.79 11.44
C THR B 59 8.72 -27.41 11.75
N CYS B 60 9.01 -26.73 12.85
CA CYS B 60 10.39 -26.29 13.21
C CYS B 60 10.83 -26.83 14.58
N SER B 61 10.50 -28.09 14.90
CA SER B 61 10.86 -28.73 16.19
C SER B 61 12.38 -28.75 16.39
N SER B 62 13.21 -28.62 15.34
CA SER B 62 14.69 -28.71 15.46
C SER B 62 15.30 -27.37 15.94
N TYR B 63 14.55 -26.28 15.87
CA TYR B 63 15.00 -24.93 16.30
C TYR B 63 14.48 -24.70 17.71
N ALA B 64 15.06 -23.72 18.40
CA ALA B 64 14.59 -23.33 19.75
C ALA B 64 14.26 -21.84 19.74
N ILE B 65 13.14 -21.50 20.34
CA ILE B 65 12.67 -20.09 20.46
C ILE B 65 13.42 -19.40 21.60
N GLU B 66 14.04 -18.27 21.29
CA GLU B 66 14.59 -17.36 22.31
C GLU B 66 13.43 -16.60 22.96
N LYS B 67 12.63 -15.93 22.15
CA LYS B 67 11.53 -15.09 22.69
C LYS B 67 10.50 -14.87 21.59
N ILE B 68 9.30 -14.52 22.02
CA ILE B 68 8.19 -14.13 21.11
C ILE B 68 7.72 -12.76 21.59
N GLU B 69 7.69 -11.79 20.67
CA GLU B 69 7.20 -10.44 20.96
C GLU B 69 5.93 -10.16 20.20
N ARG B 70 4.93 -9.67 20.92
CA ARG B 70 3.72 -9.10 20.29
C ARG B 70 4.05 -7.72 19.77
N ILE B 71 3.71 -7.47 18.50
CA ILE B 71 3.94 -6.18 17.82
C ILE B 71 2.68 -5.35 17.93
N GLN B 72 2.75 -4.24 18.65
CA GLN B 72 1.63 -3.29 18.82
C GLN B 72 1.99 -2.06 17.99
N ASN B 73 1.47 -2.01 16.78
CA ASN B 73 1.74 -0.88 15.87
C ASN B 73 0.40 -0.28 15.49
N ALA B 74 0.04 0.83 16.14
CA ALA B 74 -1.33 1.36 16.06
C ALA B 74 -1.67 1.71 14.60
N PHE B 75 -0.78 2.42 13.91
CA PHE B 75 -1.07 2.84 12.52
C PHE B 75 -1.16 1.65 11.57
N LEU B 76 -0.24 0.70 11.64
CA LEU B 76 -0.32 -0.49 10.75
C LEU B 76 -1.61 -1.24 11.06
N TRP B 77 -1.98 -1.34 12.34
CA TRP B 77 -3.20 -2.08 12.72
C TRP B 77 -4.40 -1.37 12.11
N GLN B 78 -4.47 -0.06 12.26
CA GLN B 78 -5.63 0.70 11.76
C GLN B 78 -5.79 0.47 10.26
N SER B 79 -4.70 0.62 9.52
CA SER B 79 -4.75 0.54 8.04
C SER B 79 -5.10 -0.88 7.63
N TYR B 80 -4.55 -1.87 8.33
CA TYR B 80 -4.82 -3.29 8.01
C TYR B 80 -6.29 -3.60 8.29
N GLN B 81 -6.81 -3.15 9.45
CA GLN B 81 -8.20 -3.45 9.84
C GLN B 81 -9.17 -2.76 8.87
N VAL B 82 -8.82 -1.59 8.34
CA VAL B 82 -9.66 -0.96 7.28
C VAL B 82 -9.70 -1.85 6.05
N LYS B 83 -8.55 -2.34 5.61
CA LYS B 83 -8.49 -3.24 4.44
C LYS B 83 -9.28 -4.52 4.72
N LYS B 84 -9.20 -5.04 5.94
CA LYS B 84 -9.93 -6.30 6.25
C LYS B 84 -11.44 -6.06 6.20
N ARG B 85 -11.90 -4.95 6.78
CA ARG B 85 -13.34 -4.63 6.75
C ARG B 85 -13.80 -4.52 5.28
N GLN B 86 -12.97 -3.91 4.45
CA GLN B 86 -13.32 -3.72 3.02
C GLN B 86 -13.40 -5.08 2.32
N MET B 87 -12.44 -5.95 2.55
CA MET B 87 -12.43 -7.30 1.92
C MET B 87 -13.58 -8.15 2.47
N ASP B 88 -13.90 -8.01 3.75
CA ASP B 88 -15.04 -8.70 4.38
C ASP B 88 -16.33 -8.23 3.69
N ILE B 89 -16.44 -6.93 3.39
CA ILE B 89 -17.66 -6.39 2.71
C ILE B 89 -17.68 -6.95 1.29
N LYS B 90 -16.58 -6.84 0.57
CA LYS B 90 -16.51 -7.17 -0.87
C LYS B 90 -16.73 -8.67 -1.07
N ASN B 91 -16.14 -9.51 -0.23
CA ASN B 91 -16.17 -10.97 -0.50
C ASN B 91 -17.41 -11.65 0.09
N ASP B 92 -18.08 -11.09 1.09
CA ASP B 92 -19.27 -11.73 1.72
C ASP B 92 -19.01 -13.19 2.16
N HIS B 93 -18.77 -13.35 3.47
CA HIS B 93 -18.74 -14.61 4.26
C HIS B 93 -17.56 -15.48 3.84
N LYS B 94 -16.50 -14.89 3.31
CA LYS B 94 -15.20 -15.60 3.15
C LYS B 94 -14.38 -15.41 4.44
N ASN B 95 -13.62 -16.44 4.82
CA ASN B 95 -12.51 -16.31 5.79
C ASN B 95 -11.39 -15.62 5.02
N ASN B 96 -11.29 -14.30 5.10
CA ASN B 96 -10.30 -13.56 4.28
C ASN B 96 -8.91 -13.56 4.90
N GLU B 97 -8.79 -13.98 6.16
CA GLU B 97 -7.53 -13.77 6.90
C GLU B 97 -6.90 -15.11 7.28
N ARG B 98 -5.63 -15.26 7.01
CA ARG B 98 -4.84 -16.45 7.42
C ARG B 98 -3.70 -15.96 8.30
N LEU B 99 -3.23 -16.82 9.19
CA LEU B 99 -2.07 -16.49 10.02
C LEU B 99 -0.89 -17.24 9.44
N LEU B 100 0.07 -16.49 8.92
CA LEU B 100 1.16 -17.05 8.11
C LEU B 100 2.51 -16.59 8.68
N PHE B 101 3.59 -17.12 8.14
CA PHE B 101 4.94 -16.84 8.62
C PHE B 101 5.71 -16.04 7.58
N HIS B 102 6.68 -15.28 8.03
CA HIS B 102 7.57 -14.52 7.14
C HIS B 102 8.94 -14.42 7.76
N GLY B 103 9.88 -15.14 7.18
CA GLY B 103 11.28 -15.06 7.65
C GLY B 103 11.91 -13.81 7.13
N THR B 104 12.71 -13.11 7.91
CA THR B 104 13.50 -12.00 7.34
C THR B 104 14.82 -11.83 8.07
N ASP B 105 15.67 -11.00 7.47
CA ASP B 105 17.00 -10.69 8.01
C ASP B 105 16.86 -9.67 9.14
N ALA B 106 17.85 -9.64 10.02
CA ALA B 106 17.89 -8.70 11.15
C ALA B 106 17.81 -7.26 10.65
N ASP B 107 18.45 -6.94 9.51
CA ASP B 107 18.53 -5.54 9.01
C ASP B 107 17.12 -5.02 8.72
N SER B 108 16.16 -5.89 8.39
CA SER B 108 14.79 -5.53 7.94
C SER B 108 13.86 -5.39 9.13
N VAL B 109 14.19 -5.96 10.28
CA VAL B 109 13.24 -6.04 11.42
C VAL B 109 12.78 -4.64 11.85
N PRO B 110 13.65 -3.63 12.07
CA PRO B 110 13.17 -2.32 12.52
C PRO B 110 12.16 -1.72 11.52
N TYR B 111 12.40 -1.88 10.22
CA TYR B 111 11.49 -1.34 9.17
C TYR B 111 10.17 -2.09 9.23
N VAL B 112 10.18 -3.42 9.23
CA VAL B 112 8.91 -4.21 9.25
C VAL B 112 8.14 -3.86 10.52
N ASN B 113 8.80 -3.78 11.67
CA ASN B 113 8.09 -3.48 12.93
C ASN B 113 7.31 -2.16 12.82
N GLN B 114 7.89 -1.16 12.16
CA GLN B 114 7.33 0.22 12.08
C GLN B 114 6.42 0.35 10.87
N HIS B 115 6.79 -0.29 9.76
CA HIS B 115 6.18 0.05 8.45
C HIS B 115 5.59 -1.15 7.73
N GLY B 116 5.77 -2.35 8.26
CA GLY B 116 5.17 -3.56 7.67
C GLY B 116 5.98 -4.04 6.49
N PHE B 117 5.29 -4.74 5.59
CA PHE B 117 5.89 -5.51 4.49
C PHE B 117 5.77 -4.72 3.21
N ASN B 118 6.92 -4.29 2.70
CA ASN B 118 6.99 -3.45 1.50
C ASN B 118 7.38 -4.33 0.31
N ARG B 119 6.48 -4.51 -0.67
CA ARG B 119 6.78 -5.34 -1.85
C ARG B 119 7.99 -4.79 -2.61
N SER B 120 8.21 -3.47 -2.52
CA SER B 120 9.33 -2.83 -3.26
C SER B 120 10.68 -3.32 -2.76
N CYS B 121 10.72 -3.89 -1.56
CA CYS B 121 11.96 -4.38 -0.90
C CYS B 121 12.05 -5.90 -1.00
N ALA B 122 11.04 -6.59 -1.54
CA ALA B 122 10.95 -8.07 -1.49
C ALA B 122 12.02 -8.70 -2.39
N GLY B 123 12.63 -9.79 -1.94
CA GLY B 123 13.54 -10.59 -2.78
C GLY B 123 12.76 -11.33 -3.84
N LYS B 124 13.44 -11.77 -4.90
CA LYS B 124 12.85 -12.71 -5.87
C LYS B 124 12.81 -14.06 -5.16
N ASN B 125 11.66 -14.75 -5.18
CA ASN B 125 11.54 -16.04 -4.48
C ASN B 125 12.15 -17.13 -5.36
N ALA B 126 12.71 -18.20 -4.78
CA ALA B 126 13.31 -19.30 -5.57
C ALA B 126 12.25 -19.90 -6.48
N VAL B 127 11.00 -19.93 -6.05
CA VAL B 127 9.88 -20.26 -6.98
C VAL B 127 8.95 -19.06 -6.99
N SER B 128 9.00 -18.27 -8.03
CA SER B 128 8.24 -17.00 -8.09
C SER B 128 6.84 -17.23 -8.63
N TYR B 129 5.86 -16.81 -7.84
CA TYR B 129 4.44 -16.72 -8.26
C TYR B 129 3.99 -15.27 -8.37
N GLY B 130 4.93 -14.35 -8.51
CA GLY B 130 4.63 -12.93 -8.69
C GLY B 130 5.54 -12.05 -7.85
N LYS B 131 5.58 -10.77 -8.16
CA LYS B 131 6.49 -9.79 -7.52
C LYS B 131 5.68 -9.17 -6.38
N GLY B 132 5.71 -9.80 -5.22
CA GLY B 132 5.04 -9.26 -4.04
C GLY B 132 5.73 -9.78 -2.80
N THR B 133 5.08 -9.62 -1.65
CA THR B 133 5.61 -10.13 -0.37
C THR B 133 5.08 -11.54 -0.19
N TYR B 134 5.96 -12.46 0.22
CA TYR B 134 5.66 -13.89 0.35
C TYR B 134 5.44 -14.24 1.80
N PHE B 135 4.43 -15.09 2.02
CA PHE B 135 4.10 -15.58 3.37
C PHE B 135 3.89 -17.08 3.29
N ALA B 136 4.45 -17.78 4.26
CA ALA B 136 4.46 -19.25 4.27
C ALA B 136 3.39 -19.79 5.22
N VAL B 137 2.75 -20.88 4.82
CA VAL B 137 1.83 -21.63 5.70
C VAL B 137 2.66 -22.30 6.81
N ASP B 138 3.79 -22.89 6.45
CA ASP B 138 4.63 -23.66 7.40
C ASP B 138 5.83 -22.84 7.87
N ALA B 139 6.06 -22.78 9.18
CA ALA B 139 7.23 -22.07 9.74
C ALA B 139 8.51 -22.67 9.14
N SER B 140 8.54 -23.96 8.79
CA SER B 140 9.77 -24.61 8.25
C SER B 140 10.24 -23.89 7.00
N TYR B 141 9.32 -23.38 6.17
CA TYR B 141 9.70 -22.67 4.93
C TYR B 141 10.40 -21.36 5.30
N SER B 142 9.79 -20.58 6.19
CA SER B 142 10.32 -19.28 6.62
C SER B 142 11.62 -19.47 7.40
N ALA B 143 11.83 -20.65 7.98
CA ALA B 143 13.00 -20.93 8.84
C ALA B 143 14.26 -21.17 8.00
N LYS B 144 14.12 -21.34 6.68
CA LYS B 144 15.29 -21.47 5.77
C LYS B 144 16.17 -20.25 5.91
N ASP B 145 17.49 -20.48 5.94
CA ASP B 145 18.47 -19.39 6.09
C ASP B 145 18.32 -18.35 4.98
N THR B 146 17.77 -18.72 3.82
CA THR B 146 17.58 -17.78 2.68
CA THR B 146 17.61 -17.77 2.69
C THR B 146 16.59 -16.68 3.08
N TYR B 147 15.67 -16.98 4.00
CA TYR B 147 14.61 -16.02 4.44
C TYR B 147 14.95 -15.46 5.82
N SER B 148 15.07 -16.32 6.83
CA SER B 148 15.41 -15.89 8.21
C SER B 148 16.92 -15.96 8.38
N LYS B 149 17.66 -15.10 7.68
CA LYS B 149 19.14 -15.14 7.66
C LYS B 149 19.64 -15.05 9.08
N PRO B 150 20.48 -15.99 9.57
CA PRO B 150 21.02 -15.85 10.90
C PRO B 150 21.82 -14.54 10.99
N ASP B 151 21.68 -13.82 12.11
CA ASP B 151 22.41 -12.56 12.31
C ASP B 151 23.80 -12.89 12.86
N SER B 152 24.60 -11.89 13.21
CA SER B 152 25.99 -12.09 13.66
C SER B 152 26.05 -12.88 14.98
N ASN B 153 24.94 -13.00 15.71
CA ASN B 153 24.84 -13.78 16.97
C ASN B 153 24.12 -15.10 16.77
N GLY B 154 23.82 -15.45 15.51
CA GLY B 154 23.16 -16.72 15.17
C GLY B 154 21.68 -16.69 15.45
N ARG B 155 21.10 -15.50 15.65
CA ARG B 155 19.63 -15.38 15.86
C ARG B 155 18.94 -15.28 14.49
N LYS B 156 17.85 -16.02 14.36
CA LYS B 156 16.95 -16.03 13.19
C LYS B 156 15.65 -15.34 13.59
N HIS B 157 15.01 -14.68 12.64
CA HIS B 157 13.82 -13.84 12.92
C HIS B 157 12.70 -14.24 11.98
N MET B 158 11.56 -14.52 12.55
CA MET B 158 10.37 -14.88 11.75
C MET B 158 9.18 -14.15 12.34
N TYR B 159 8.44 -13.50 11.46
CA TYR B 159 7.16 -12.87 11.85
C TYR B 159 6.03 -13.86 11.69
N VAL B 160 5.05 -13.72 12.58
CA VAL B 160 3.73 -14.36 12.45
C VAL B 160 2.80 -13.22 12.07
N VAL B 161 2.09 -13.41 10.97
CA VAL B 161 1.47 -12.29 10.20
C VAL B 161 0.02 -12.62 9.91
N ARG B 162 -0.87 -11.67 10.22
CA ARG B 162 -2.26 -11.75 9.77
C ARG B 162 -2.25 -11.26 8.33
N VAL B 163 -2.66 -12.13 7.42
CA VAL B 163 -2.56 -11.83 5.97
C VAL B 163 -3.95 -11.92 5.36
N LEU B 164 -4.33 -10.89 4.59
CA LEU B 164 -5.63 -10.90 3.91
C LEU B 164 -5.51 -11.64 2.57
N THR B 165 -5.53 -12.96 2.65
CA THR B 165 -5.44 -13.85 1.46
C THR B 165 -6.71 -13.72 0.63
N GLY B 166 -7.85 -13.50 1.27
CA GLY B 166 -9.10 -13.33 0.51
C GLY B 166 -9.37 -14.50 -0.42
N VAL B 167 -9.79 -14.14 -1.63
CA VAL B 167 -10.01 -15.10 -2.75
C VAL B 167 -8.74 -15.12 -3.58
N PHE B 168 -8.18 -16.31 -3.78
CA PHE B 168 -6.84 -16.44 -4.37
C PHE B 168 -6.88 -17.46 -5.50
N THR B 169 -5.86 -17.36 -6.34
CA THR B 169 -5.62 -18.26 -7.47
C THR B 169 -4.14 -18.56 -7.55
N LYS B 170 -3.74 -19.53 -8.37
CA LYS B 170 -2.32 -19.82 -8.60
C LYS B 170 -1.66 -18.62 -9.28
N GLY B 171 -0.57 -18.15 -8.68
CA GLY B 171 0.15 -17.00 -9.24
C GLY B 171 1.00 -17.37 -10.43
N ARG B 172 1.68 -16.37 -10.95
CA ARG B 172 2.58 -16.47 -12.12
CA ARG B 172 2.67 -16.56 -12.04
C ARG B 172 3.73 -15.47 -11.90
N ALA B 173 4.94 -15.83 -12.31
CA ALA B 173 6.13 -15.00 -12.07
C ALA B 173 5.95 -13.57 -12.60
N GLY B 174 5.20 -13.35 -13.68
CA GLY B 174 5.09 -11.98 -14.25
C GLY B 174 4.31 -10.98 -13.38
N LEU B 175 3.54 -11.44 -12.41
CA LEU B 175 2.51 -10.57 -11.79
C LEU B 175 3.12 -9.44 -10.99
N VAL B 176 2.56 -8.23 -11.10
CA VAL B 176 2.91 -7.09 -10.22
C VAL B 176 1.69 -6.71 -9.36
N THR B 177 0.51 -7.27 -9.68
CA THR B 177 -0.74 -7.25 -8.87
C THR B 177 -1.40 -8.62 -9.02
N PRO B 178 -2.39 -9.03 -8.19
CA PRO B 178 -3.04 -10.29 -8.43
C PRO B 178 -3.75 -10.16 -9.77
N PRO B 179 -3.97 -11.29 -10.43
CA PRO B 179 -4.63 -11.27 -11.73
C PRO B 179 -6.12 -11.00 -11.55
N PRO B 180 -6.79 -10.62 -12.64
CA PRO B 180 -8.22 -10.46 -12.60
C PRO B 180 -8.87 -11.83 -12.49
N LYS B 181 -10.07 -11.86 -11.91
CA LYS B 181 -10.91 -13.08 -11.83
C LYS B 181 -11.42 -13.41 -13.23
N ASN B 182 -11.63 -12.38 -14.02
CA ASN B 182 -12.31 -12.49 -15.34
C ASN B 182 -11.49 -11.66 -16.32
N PRO B 183 -11.02 -12.24 -17.43
CA PRO B 183 -10.20 -11.48 -18.37
C PRO B 183 -10.92 -10.30 -19.02
N HIS B 184 -12.25 -10.33 -19.04
CA HIS B 184 -13.04 -9.25 -19.67
C HIS B 184 -13.35 -8.15 -18.67
N ASN B 185 -12.89 -8.29 -17.42
CA ASN B 185 -13.08 -7.25 -16.39
C ASN B 185 -11.76 -7.10 -15.65
N PRO B 186 -10.76 -6.49 -16.30
CA PRO B 186 -9.38 -6.56 -15.82
C PRO B 186 -9.13 -5.90 -14.45
N THR B 187 -10.05 -5.07 -13.95
CA THR B 187 -9.83 -4.35 -12.67
C THR B 187 -10.43 -5.11 -11.49
N ASP B 188 -11.19 -6.18 -11.70
CA ASP B 188 -11.79 -6.94 -10.56
C ASP B 188 -10.84 -8.08 -10.23
N LEU B 189 -10.05 -7.91 -9.15
CA LEU B 189 -8.84 -8.72 -8.92
C LEU B 189 -9.09 -9.78 -7.85
N PHE B 190 -8.39 -10.90 -7.98
CA PHE B 190 -8.13 -11.78 -6.83
C PHE B 190 -7.46 -10.95 -5.75
N ASP B 191 -7.58 -11.40 -4.50
CA ASP B 191 -6.98 -10.68 -3.35
C ASP B 191 -5.50 -11.06 -3.19
N SER B 192 -5.12 -12.27 -3.58
CA SER B 192 -3.74 -12.76 -3.41
C SER B 192 -3.53 -13.91 -4.37
N VAL B 193 -2.32 -14.40 -4.45
CA VAL B 193 -2.07 -15.63 -5.23
C VAL B 193 -1.32 -16.63 -4.35
N THR B 194 -1.29 -17.86 -4.80
CA THR B 194 -0.67 -18.97 -4.07
C THR B 194 0.15 -19.83 -5.04
N ASN B 195 0.90 -20.78 -4.52
CA ASN B 195 1.65 -21.74 -5.35
C ASN B 195 0.69 -22.83 -5.87
N ASN B 196 -0.38 -23.14 -5.14
CA ASN B 196 -1.25 -24.29 -5.45
C ASN B 196 -2.59 -24.09 -4.74
N THR B 197 -3.71 -23.96 -5.46
CA THR B 197 -4.99 -23.60 -4.81
C THR B 197 -5.52 -24.77 -3.96
N ARG B 198 -5.25 -25.99 -4.40
CA ARG B 198 -5.69 -27.25 -3.73
C ARG B 198 -4.93 -27.41 -2.41
N SER B 199 -3.62 -27.14 -2.42
CA SER B 199 -2.73 -27.34 -1.26
CA SER B 199 -2.73 -27.34 -1.25
C SER B 199 -1.82 -26.12 -1.09
N PRO B 200 -2.35 -24.97 -0.65
CA PRO B 200 -1.53 -23.76 -0.59
C PRO B 200 -0.44 -23.89 0.46
N LYS B 201 0.78 -23.51 0.11
CA LYS B 201 1.92 -23.47 1.05
C LYS B 201 2.53 -22.07 1.10
N LEU B 202 2.24 -21.23 0.11
CA LEU B 202 2.70 -19.83 0.18
C LEU B 202 1.62 -18.95 -0.42
N PHE B 203 1.60 -17.72 0.06
CA PHE B 203 0.69 -16.68 -0.47
C PHE B 203 1.54 -15.46 -0.77
N VAL B 204 1.16 -14.76 -1.83
CA VAL B 204 1.85 -13.51 -2.26
C VAL B 204 0.80 -12.40 -2.24
N VAL B 205 1.15 -11.31 -1.57
CA VAL B 205 0.26 -10.11 -1.58
C VAL B 205 1.02 -8.96 -2.22
N PHE B 206 0.27 -8.07 -2.81
CA PHE B 206 0.82 -7.07 -3.75
C PHE B 206 0.43 -5.66 -3.32
N PHE B 207 -0.14 -5.50 -2.14
CA PHE B 207 -0.58 -4.16 -1.70
C PHE B 207 -0.16 -3.93 -0.26
N ASP B 208 0.00 -2.66 0.05
CA ASP B 208 0.38 -2.23 1.39
C ASP B 208 -0.81 -2.51 2.33
N ASN B 209 -0.50 -2.77 3.58
CA ASN B 209 -1.55 -2.86 4.64
C ASN B 209 -2.45 -4.07 4.35
N GLN B 210 -1.97 -5.10 3.64
CA GLN B 210 -2.69 -6.37 3.44
C GLN B 210 -2.13 -7.45 4.37
N ALA B 211 -1.13 -7.10 5.17
CA ALA B 211 -0.47 -8.03 6.10
C ALA B 211 -0.06 -7.22 7.33
N TYR B 212 -0.43 -7.70 8.50
CA TYR B 212 -0.10 -7.08 9.79
C TYR B 212 0.89 -7.98 10.50
N PRO B 213 2.12 -7.50 10.77
CA PRO B 213 3.12 -8.27 11.53
C PRO B 213 2.68 -8.29 12.98
N GLU B 214 2.26 -9.46 13.45
CA GLU B 214 1.58 -9.59 14.74
C GLU B 214 2.57 -10.04 15.81
N TYR B 215 3.43 -11.00 15.47
CA TYR B 215 4.43 -11.51 16.43
C TYR B 215 5.77 -11.58 15.73
N LEU B 216 6.83 -11.37 16.50
CA LEU B 216 8.19 -11.59 16.04
C LEU B 216 8.78 -12.71 16.88
N ILE B 217 9.15 -13.79 16.21
CA ILE B 217 9.79 -14.95 16.86
C ILE B 217 11.27 -14.77 16.64
N THR B 218 12.06 -14.79 17.71
CA THR B 218 13.52 -14.82 17.64
C THR B 218 13.94 -16.22 18.02
N PHE B 219 14.74 -16.89 17.21
CA PHE B 219 15.02 -18.34 17.45
C PHE B 219 16.44 -18.67 16.98
N THR B 220 16.93 -19.81 17.46
CA THR B 220 18.30 -20.28 17.18
C THR B 220 18.27 -21.76 16.91
N ALA B 221 19.35 -22.26 16.29
CA ALA B 221 19.67 -23.71 16.22
C ALA B 221 19.94 -24.22 17.65
C4 8CI C . 5.45 14.25 -13.06
C5 8CI C . 6.48 13.46 -13.53
C6 8CI C . 8.82 13.03 -13.76
C11 8CI C . 10.40 15.00 -13.95
C7 8CI C . 10.14 13.63 -13.31
C8 8CI C . 11.33 12.71 -13.65
C9 8CI C . 12.39 13.61 -14.25
C10 8CI C . 11.65 14.80 -14.81
C12 8CI C . 6.20 12.32 -14.27
C13 8CI C . 4.90 11.98 -14.55
N1 8CI C . 2.16 11.18 -14.80
C3 8CI C . 4.14 13.92 -13.37
C1 8CI C . 2.46 12.43 -14.46
O1 8CI C . 1.63 13.37 -14.51
C2 8CI C . 3.85 12.78 -14.12
O2 8CI C . 7.75 13.83 -13.21
C1 MPD D . 0.55 4.12 -14.86
C2 MPD D . 0.31 5.23 -13.85
O2 MPD D . -0.06 6.40 -14.61
CM MPD D . 1.58 5.62 -13.10
C3 MPD D . -0.84 4.87 -12.88
C4 MPD D . -0.50 3.77 -11.86
O4 MPD D . -0.04 4.34 -10.63
C5 MPD D . -1.61 2.79 -11.55
#